data_6SM1
#
_entry.id   6SM1
#
_cell.length_a   104.500
_cell.length_b   104.500
_cell.length_c   55.220
_cell.angle_alpha   90.000
_cell.angle_beta   90.000
_cell.angle_gamma   120.000
#
_symmetry.space_group_name_H-M   'P 63 2 2'
#
loop_
_entity.id
_entity.type
_entity.pdbx_description
1 polymer 'Immunoglobulin lambda variable 2-14'
2 non-polymer 'CALCIUM ION'
3 non-polymer DI(HYDROXYETHYL)ETHER
4 non-polymer 'TRIETHYLENE GLYCOL'
5 water water
#
_entity_poly.entity_id   1
_entity_poly.type   'polypeptide(L)'
_entity_poly.pdbx_seq_one_letter_code
;MGQSALTQPASVSGSPGQSITISCTGTSSDVGGYNYVSWYQQHPGKAPKLMIYEVSNRPSGVSNRFSGSKSGNTASLTIS
GLQAEDEADYYCSSYTSSSTLYVFGTGTKVTVLG
;
_entity_poly.pdbx_strand_id   A
#
loop_
_chem_comp.id
_chem_comp.type
_chem_comp.name
_chem_comp.formula
CA non-polymer 'CALCIUM ION' 'Ca 2'
PEG non-polymer DI(HYDROXYETHYL)ETHER 'C4 H10 O3'
PGE non-polymer 'TRIETHYLENE GLYCOL' 'C6 H14 O4'
#
# COMPACT_ATOMS: atom_id res chain seq x y z
N SER A 4 -10.76 0.66 -14.48
CA SER A 4 -10.51 -0.49 -13.56
C SER A 4 -9.81 -0.06 -12.27
N ALA A 5 -10.11 -0.77 -11.19
CA ALA A 5 -9.38 -0.66 -9.92
C ALA A 5 -7.92 -1.08 -10.08
N LEU A 6 -7.07 -0.62 -9.16
CA LEU A 6 -5.68 -1.08 -9.13
C LEU A 6 -5.64 -2.50 -8.60
N THR A 7 -4.74 -3.31 -9.16
CA THR A 7 -4.68 -4.72 -8.80
C THR A 7 -3.80 -4.92 -7.57
N GLN A 8 -4.37 -5.53 -6.52
CA GLN A 8 -3.65 -5.92 -5.33
C GLN A 8 -3.92 -7.39 -5.02
N PRO A 9 -2.95 -8.10 -4.40
CA PRO A 9 -3.25 -9.45 -3.93
C PRO A 9 -4.25 -9.43 -2.77
N ALA A 10 -5.16 -10.41 -2.73
CA ALA A 10 -6.14 -10.46 -1.66
C ALA A 10 -5.52 -10.66 -0.27
N SER A 11 -4.42 -11.42 -0.21
CA SER A 11 -3.85 -11.87 1.04
C SER A 11 -2.33 -11.87 0.93
N VAL A 12 -1.67 -11.31 1.93
CA VAL A 12 -0.21 -11.42 2.12
C VAL A 12 0.00 -11.73 3.59
N SER A 13 0.88 -12.69 3.91
CA SER A 13 1.14 -13.07 5.30
C SER A 13 2.63 -13.06 5.58
N GLY A 14 2.96 -13.04 6.87
CA GLY A 14 4.35 -13.15 7.32
C GLY A 14 4.46 -13.51 8.77
N SER A 15 5.65 -13.92 9.18
CA SER A 15 5.99 -14.15 10.57
C SER A 15 6.52 -12.87 11.21
N PRO A 16 6.38 -12.74 12.54
CA PRO A 16 7.03 -11.61 13.19
C PRO A 16 8.50 -11.50 12.82
N GLY A 17 8.92 -10.28 12.45
CA GLY A 17 10.29 -10.01 12.01
C GLY A 17 10.55 -10.13 10.51
N GLN A 18 9.63 -10.75 9.77
CA GLN A 18 9.78 -10.91 8.33
C GLN A 18 9.58 -9.58 7.62
N SER A 19 10.17 -9.47 6.43
CA SER A 19 9.88 -8.36 5.54
CA SER A 19 9.90 -8.36 5.52
C SER A 19 8.93 -8.86 4.46
N ILE A 20 7.81 -8.15 4.29
CA ILE A 20 6.82 -8.49 3.26
C ILE A 20 6.54 -7.28 2.38
N THR A 21 6.13 -7.55 1.14
CA THR A 21 5.79 -6.50 0.20
C THR A 21 4.39 -6.75 -0.37
N ILE A 22 3.63 -5.66 -0.49
CA ILE A 22 2.31 -5.67 -1.11
C ILE A 22 2.41 -4.91 -2.44
N SER A 23 2.03 -5.57 -3.54
CA SER A 23 2.03 -4.94 -4.86
C SER A 23 0.68 -4.25 -5.19
N CYS A 24 0.78 -3.29 -6.10
CA CYS A 24 -0.34 -2.46 -6.53
C CYS A 24 -0.09 -2.10 -7.98
N THR A 25 -0.80 -2.76 -8.90
CA THR A 25 -0.52 -2.62 -10.32
C THR A 25 -1.62 -1.82 -11.02
N GLY A 26 -1.19 -0.79 -11.74
CA GLY A 26 -2.07 0.04 -12.55
C GLY A 26 -1.57 0.11 -13.99
N THR A 27 -1.67 1.28 -14.58
CA THR A 27 -1.37 1.52 -15.99
C THR A 27 -0.53 2.79 -16.11
N SER A 28 -0.09 3.08 -17.33
CA SER A 28 0.64 4.30 -17.60
C SER A 28 -0.15 5.60 -17.39
N SER A 29 -1.49 5.50 -17.25
CA SER A 29 -2.34 6.65 -16.96
C SER A 29 -2.49 6.95 -15.47
N ASP A 30 -1.96 6.09 -14.60
CA ASP A 30 -2.10 6.25 -13.15
C ASP A 30 -0.77 5.96 -12.43
N VAL A 31 -0.57 4.73 -11.95
CA VAL A 31 0.63 4.38 -11.20
C VAL A 31 1.89 4.66 -12.00
N GLY A 32 1.87 4.27 -13.28
CA GLY A 32 3.01 4.47 -14.16
C GLY A 32 3.17 5.85 -14.76
N GLY A 33 2.14 6.68 -14.63
CA GLY A 33 2.23 8.01 -15.23
C GLY A 33 2.54 9.12 -14.25
N TYR A 34 2.34 8.91 -12.96
CA TYR A 34 2.51 9.98 -11.97
C TYR A 34 3.17 9.46 -10.69
N ASN A 35 3.63 10.40 -9.87
CA ASN A 35 4.31 10.07 -8.59
C ASN A 35 3.38 10.41 -7.42
N TYR A 36 2.11 10.04 -7.57
CA TYR A 36 1.08 10.32 -6.55
C TYR A 36 0.37 9.03 -6.14
N VAL A 37 1.17 8.09 -5.66
CA VAL A 37 0.68 6.85 -5.09
C VAL A 37 0.64 6.97 -3.57
N SER A 38 -0.49 6.59 -2.99
CA SER A 38 -0.66 6.58 -1.54
C SER A 38 -1.00 5.19 -1.06
N TRP A 39 -0.73 4.95 0.22
CA TRP A 39 -1.07 3.70 0.87
C TRP A 39 -1.78 4.00 2.19
N TYR A 40 -2.80 3.19 2.49
CA TYR A 40 -3.62 3.34 3.69
C TYR A 40 -3.68 2.01 4.42
N GLN A 41 -3.74 2.10 5.75
CA GLN A 41 -3.90 0.96 6.66
C GLN A 41 -5.26 1.09 7.33
N GLN A 42 -6.02 0.00 7.39
CA GLN A 42 -7.28 -0.02 8.14
C GLN A 42 -7.36 -1.27 9.02
N HIS A 43 -7.40 -1.06 10.32
CA HIS A 43 -7.73 -2.10 11.28
C HIS A 43 -9.25 -2.27 11.33
N PRO A 44 -9.74 -3.49 11.62
CA PRO A 44 -11.18 -3.77 11.59
C PRO A 44 -11.98 -2.80 12.47
N GLY A 45 -12.99 -2.17 11.88
CA GLY A 45 -13.85 -1.24 12.61
C GLY A 45 -13.23 0.08 13.02
N LYS A 46 -12.07 0.42 12.46
CA LYS A 46 -11.38 1.67 12.78
C LYS A 46 -11.32 2.53 11.53
N ALA A 47 -10.98 3.80 11.73
CA ALA A 47 -10.76 4.73 10.62
C ALA A 47 -9.48 4.34 9.87
N PRO A 48 -9.51 4.41 8.53
CA PRO A 48 -8.26 4.30 7.75
C PRO A 48 -7.19 5.30 8.20
N LYS A 49 -5.93 4.93 7.99
CA LYS A 49 -4.79 5.77 8.32
C LYS A 49 -3.91 5.91 7.09
N LEU A 50 -3.56 7.14 6.74
CA LEU A 50 -2.61 7.39 5.66
C LEU A 50 -1.19 7.00 6.09
N MET A 51 -0.60 6.02 5.40
CA MET A 51 0.74 5.53 5.73
C MET A 51 1.83 6.10 4.83
N ILE A 52 1.53 6.26 3.55
CA ILE A 52 2.48 6.72 2.53
C ILE A 52 1.73 7.59 1.55
N TYR A 53 2.38 8.66 1.08
CA TYR A 53 1.89 9.43 -0.07
C TYR A 53 3.05 9.85 -0.94
N GLU A 54 2.74 10.31 -2.15
CA GLU A 54 3.76 10.65 -3.14
C GLU A 54 4.80 9.52 -3.26
N VAL A 55 4.28 8.30 -3.38
CA VAL A 55 5.01 7.05 -3.61
C VAL A 55 5.76 6.53 -2.38
N SER A 56 6.49 7.40 -1.69
CA SER A 56 7.43 6.97 -0.68
C SER A 56 7.49 7.83 0.58
N ASN A 57 6.64 8.87 0.67
CA ASN A 57 6.74 9.79 1.80
C ASN A 57 5.81 9.37 2.95
N ARG A 58 6.35 9.35 4.16
CA ARG A 58 5.56 9.02 5.36
C ARG A 58 5.10 10.28 6.09
N PRO A 59 3.81 10.37 6.44
CA PRO A 59 3.42 11.36 7.45
C PRO A 59 4.09 11.07 8.78
N SER A 60 4.03 12.01 9.71
CA SER A 60 4.52 11.72 11.07
C SER A 60 3.60 10.68 11.72
N GLY A 61 4.16 9.94 12.66
CA GLY A 61 3.38 8.90 13.34
C GLY A 61 3.29 7.60 12.59
N VAL A 62 4.01 7.48 11.47
CA VAL A 62 4.07 6.24 10.73
C VAL A 62 5.46 5.67 10.91
N SER A 63 5.51 4.42 11.35
CA SER A 63 6.76 3.73 11.60
C SER A 63 7.63 3.69 10.34
N ASN A 64 8.93 3.91 10.51
CA ASN A 64 9.88 3.78 9.39
C ASN A 64 10.08 2.33 8.93
N ARG A 65 9.41 1.37 9.57
CA ARG A 65 9.30 0.01 9.05
C ARG A 65 8.48 -0.06 7.76
N PHE A 66 7.63 0.95 7.51
CA PHE A 66 6.86 1.04 6.28
C PHE A 66 7.60 1.87 5.24
N SER A 67 7.71 1.35 4.03
CA SER A 67 8.31 2.11 2.94
C SER A 67 7.59 1.84 1.63
N GLY A 68 7.57 2.85 0.78
CA GLY A 68 6.90 2.78 -0.50
C GLY A 68 7.87 2.98 -1.64
N SER A 69 7.61 2.28 -2.74
CA SER A 69 8.39 2.42 -3.96
C SER A 69 7.49 2.14 -5.16
N LYS A 70 8.03 2.38 -6.35
CA LYS A 70 7.36 1.92 -7.56
C LYS A 70 8.36 1.67 -8.68
N SER A 71 7.93 0.82 -9.60
CA SER A 71 8.71 0.46 -10.76
C SER A 71 7.73 0.22 -11.90
N GLY A 72 7.82 1.01 -12.95
CA GLY A 72 6.89 0.94 -14.07
C GLY A 72 5.47 1.18 -13.58
N ASN A 73 4.56 0.26 -13.91
CA ASN A 73 3.15 0.39 -13.53
C ASN A 73 2.79 -0.26 -12.18
N THR A 74 3.80 -0.67 -11.39
CA THR A 74 3.55 -1.36 -10.13
C THR A 74 4.18 -0.64 -8.94
N ALA A 75 3.33 -0.25 -7.99
CA ALA A 75 3.77 0.31 -6.72
C ALA A 75 3.87 -0.79 -5.68
N SER A 76 4.73 -0.60 -4.68
CA SER A 76 4.95 -1.59 -3.64
C SER A 76 5.04 -0.94 -2.27
N LEU A 77 4.33 -1.53 -1.31
CA LEU A 77 4.48 -1.19 0.10
C LEU A 77 5.27 -2.32 0.75
N THR A 78 6.40 -1.97 1.36
CA THR A 78 7.22 -2.93 2.09
C THR A 78 7.09 -2.68 3.59
N ILE A 79 6.83 -3.75 4.34
CA ILE A 79 6.78 -3.70 5.78
C ILE A 79 7.95 -4.55 6.26
N SER A 80 8.95 -3.90 6.84
CA SER A 80 10.11 -4.58 7.42
CA SER A 80 10.10 -4.58 7.41
C SER A 80 9.81 -4.88 8.89
N GLY A 81 10.44 -5.92 9.42
CA GLY A 81 10.29 -6.24 10.83
C GLY A 81 8.83 -6.36 11.24
N LEU A 82 8.08 -7.18 10.50
CA LEU A 82 6.64 -7.33 10.71
C LEU A 82 6.28 -7.56 12.19
N GLN A 83 5.29 -6.82 12.67
CA GLN A 83 4.82 -6.91 14.07
C GLN A 83 3.33 -7.27 14.07
N ALA A 84 2.86 -7.85 15.16
CA ALA A 84 1.47 -8.26 15.29
C ALA A 84 0.47 -7.13 14.99
N GLU A 85 0.84 -5.92 15.36
CA GLU A 85 -0.04 -4.73 15.17
C GLU A 85 -0.20 -4.38 13.69
N ASP A 86 0.66 -4.89 12.83
CA ASP A 86 0.56 -4.63 11.39
C ASP A 86 -0.54 -5.42 10.70
N GLU A 87 -1.12 -6.39 11.40
CA GLU A 87 -2.23 -7.18 10.87
C GLU A 87 -3.43 -6.24 10.67
N ALA A 88 -3.79 -6.05 9.40
CA ALA A 88 -4.74 -5.02 8.97
C ALA A 88 -4.97 -5.16 7.47
N ASP A 89 -5.91 -4.38 6.94
CA ASP A 89 -6.10 -4.28 5.50
C ASP A 89 -5.28 -3.09 5.00
N TYR A 90 -4.70 -3.22 3.82
CA TYR A 90 -3.91 -2.15 3.17
C TYR A 90 -4.43 -1.90 1.78
N TYR A 91 -4.61 -0.62 1.45
CA TYR A 91 -5.08 -0.20 0.13
C TYR A 91 -4.09 0.78 -0.46
N CYS A 92 -3.93 0.72 -1.77
CA CYS A 92 -3.21 1.75 -2.50
C CYS A 92 -4.20 2.62 -3.25
N SER A 93 -3.73 3.81 -3.62
CA SER A 93 -4.43 4.67 -4.58
C SER A 93 -3.42 5.38 -5.46
N SER A 94 -3.89 5.86 -6.60
CA SER A 94 -3.09 6.70 -7.47
C SER A 94 -3.94 7.79 -8.10
N TYR A 95 -3.34 8.96 -8.28
CA TYR A 95 -3.85 9.95 -9.20
C TYR A 95 -3.95 9.32 -10.59
N THR A 96 -4.93 9.77 -11.37
CA THR A 96 -5.07 9.33 -12.75
C THR A 96 -5.44 10.51 -13.64
N SER A 97 -5.03 10.41 -14.91
CA SER A 97 -5.40 11.35 -15.98
CA SER A 97 -5.40 11.39 -15.93
C SER A 97 -6.88 11.29 -16.27
N SER A 98 -7.49 10.14 -15.96
CA SER A 98 -8.90 9.90 -16.25
C SER A 98 -9.82 10.65 -15.31
N SER A 99 -11.08 10.58 -15.69
CA SER A 99 -12.15 11.22 -14.96
C SER A 99 -12.39 10.76 -13.54
N THR A 100 -12.06 9.51 -13.22
CA THR A 100 -12.16 9.06 -11.85
C THR A 100 -11.30 9.94 -10.91
N LEU A 101 -10.24 10.56 -11.45
CA LEU A 101 -9.30 11.46 -10.72
C LEU A 101 -8.35 10.73 -9.80
N TYR A 102 -8.89 9.89 -8.93
CA TYR A 102 -8.11 8.96 -8.16
C TYR A 102 -8.71 7.58 -8.38
N VAL A 103 -7.83 6.59 -8.42
CA VAL A 103 -8.22 5.20 -8.53
C VAL A 103 -7.58 4.46 -7.36
N PHE A 104 -8.33 3.52 -6.79
CA PHE A 104 -7.89 2.75 -5.63
C PHE A 104 -7.72 1.29 -5.98
N GLY A 105 -6.91 0.61 -5.17
CA GLY A 105 -6.79 -0.83 -5.23
C GLY A 105 -7.90 -1.54 -4.48
N THR A 106 -7.97 -2.84 -4.68
CA THR A 106 -9.01 -3.68 -4.10
C THR A 106 -8.70 -4.15 -2.68
N GLY A 107 -7.50 -3.84 -2.18
CA GLY A 107 -7.13 -4.10 -0.81
C GLY A 107 -6.42 -5.43 -0.61
N THR A 108 -5.53 -5.46 0.38
CA THR A 108 -4.79 -6.65 0.76
C THR A 108 -4.92 -6.85 2.27
N LYS A 109 -5.35 -8.05 2.66
CA LYS A 109 -5.40 -8.44 4.04
C LYS A 109 -4.02 -8.99 4.44
N VAL A 110 -3.37 -8.35 5.40
CA VAL A 110 -2.10 -8.84 5.95
C VAL A 110 -2.38 -9.60 7.23
N THR A 111 -1.92 -10.85 7.27
CA THR A 111 -2.03 -11.71 8.45
C THR A 111 -0.61 -11.93 9.00
N VAL A 112 -0.45 -11.77 10.30
CA VAL A 112 0.84 -12.04 10.96
C VAL A 112 0.70 -13.34 11.75
N LEU A 113 1.60 -14.29 11.49
CA LEU A 113 1.60 -15.58 12.19
C LEU A 113 1.60 -15.39 13.70
N GLY A 114 0.72 -16.11 14.39
CA GLY A 114 0.58 -16.03 15.85
C GLY A 114 -0.61 -15.18 16.27
CA CA B . -2.08 -13.00 13.83
C1 PEG C . -11.24 5.04 1.13
O1 PEG C . -10.18 5.92 1.26
C2 PEG C . -12.03 5.08 2.44
O2 PEG C . -13.31 4.52 2.19
C3 PEG C . -13.48 3.19 1.71
C4 PEG C . -12.53 2.17 2.30
O4 PEG C . -12.78 1.93 3.69
C1 PEG D . -1.20 13.80 0.19
O1 PEG D . -1.06 15.21 -0.02
C2 PEG D . -2.60 13.37 -0.17
O2 PEG D . -2.91 12.13 0.46
C3 PEG D . -4.23 12.03 1.02
C4 PEG D . -5.10 11.26 0.05
O4 PEG D . -6.40 11.02 0.61
C1 PEG E . 9.80 -5.44 -4.41
O1 PEG E . 9.15 -6.15 -5.47
C2 PEG E . 10.20 -4.04 -4.88
O2 PEG E . 10.24 -3.16 -3.76
C3 PEG E . 11.48 -3.05 -3.08
C4 PEG E . 11.64 -4.19 -2.07
O4 PEG E . 12.33 -3.73 -0.90
C1 PGE F . -7.61 1.72 -16.37
O1 PGE F . -8.88 1.07 -16.35
C2 PGE F . -6.96 1.63 -14.98
O2 PGE F . -6.71 0.27 -14.66
C3 PGE F . -5.94 0.09 -13.48
C4 PGE F . -5.62 -1.39 -13.32
O4 PGE F . -4.18 -3.48 -16.48
C6 PGE F . -3.38 -3.60 -15.28
C5 PGE F . -4.16 -3.11 -14.07
O3 PGE F . -4.61 -1.77 -14.27
#